data_5NE5
#
_entry.id   5NE5
#
_cell.length_a   144.923
_cell.length_b   144.923
_cell.length_c   50.593
_cell.angle_alpha   90.000
_cell.angle_beta   90.000
_cell.angle_gamma   120.000
#
_symmetry.space_group_name_H-M   'H 3'
#
loop_
_entity.id
_entity.type
_entity.pdbx_description
1 polymer 'Mannosyl-oligosaccharide 1,2-alpha-mannosidase'
2 non-polymer KIFUNENSINE
3 non-polymer 'CALCIUM ION'
4 non-polymer 2-[BIS-(2-HYDROXY-ETHYL)-AMINO]-2-HYDROXYMETHYL-PROPANE-1,3-DIOL
5 non-polymer 'SODIUM ION'
6 water water
#
_entity_poly.entity_id   1
_entity_poly.type   'polypeptide(L)'
_entity_poly.pdbx_seq_one_letter_code
;MASETTPEDWKALAADVRSEFQWAWQGYVAKAWGKDEINPVSGTSRSFFIEGHDLGLSLVEALDTLWIMGLDAEFQAGVD
WVKANLSFDVDGNAQVFETNIRLVGGLLSAHLASGDPVLLAKARDLADRLAKAFEASPHGLPWRYVNLRTGAVSDPETNL
AEIGTYLSEFGVLSQLTGERKYFDMAKRAMRHTLDRRSKIGLMAANIHAMTGAFTSRNASIDVYADSFYEYLWDAWALFG
DEDCKRWAVECVDAQLAHQAKRYDGRLWFPMVDFETGAVTGTAQSELAAYYAGLLGQVGRKAQGDDYLASFTYLQATFGV
IPESIDVTTGQPRRKHTGLRPEYPDACLNLWLIDRDPRYRRLAAIHYREMKATSRAAFGYTALKDITTRPMTQDDNCPGY
WWSEQMKYYYLLFSDTPRIDYGQLQLSTEANVLRGFRKVLEHHHHHH
;
_entity_poly.pdbx_strand_id   A
#
# COMPACT_ATOMS: atom_id res chain seq x y z
N PRO A 7 -24.67 -8.86 -20.06
CA PRO A 7 -24.07 -8.18 -18.87
C PRO A 7 -23.29 -9.08 -17.92
N GLU A 8 -22.23 -8.55 -17.33
CA GLU A 8 -21.33 -9.38 -16.59
C GLU A 8 -22.05 -9.96 -15.34
N ASP A 9 -21.85 -11.24 -15.06
CA ASP A 9 -22.29 -11.84 -13.80
C ASP A 9 -21.17 -11.63 -12.77
N TRP A 10 -21.32 -10.56 -11.95
CA TRP A 10 -20.26 -10.16 -11.01
C TRP A 10 -20.05 -11.26 -9.95
N LYS A 11 -21.10 -11.98 -9.56
CA LYS A 11 -20.96 -13.01 -8.50
C LYS A 11 -20.15 -14.20 -9.06
N ALA A 12 -20.36 -14.54 -10.36
CA ALA A 12 -19.53 -15.59 -10.96
C ALA A 12 -18.07 -15.17 -11.05
N LEU A 13 -17.81 -13.88 -11.33
CA LEU A 13 -16.44 -13.38 -11.39
C LEU A 13 -15.78 -13.44 -10.02
N ALA A 14 -16.53 -13.02 -8.97
CA ALA A 14 -16.03 -13.12 -7.57
C ALA A 14 -15.65 -14.57 -7.24
N ALA A 15 -16.50 -15.55 -7.64
CA ALA A 15 -16.21 -16.97 -7.37
C ALA A 15 -14.88 -17.39 -8.03
N ASP A 16 -14.64 -16.87 -9.25
CA ASP A 16 -13.41 -17.16 -9.99
C ASP A 16 -12.15 -16.60 -9.26
N VAL A 17 -12.27 -15.32 -8.78
CA VAL A 17 -11.21 -14.72 -7.98
C VAL A 17 -10.88 -15.61 -6.75
N ARG A 18 -11.93 -16.03 -6.03
CA ARG A 18 -11.76 -16.88 -4.81
C ARG A 18 -11.06 -18.21 -5.19
N SER A 19 -11.52 -18.87 -6.24
CA SER A 19 -10.92 -20.13 -6.74
CA SER A 19 -10.91 -20.13 -6.70
CA SER A 19 -10.91 -20.14 -6.65
C SER A 19 -9.42 -19.94 -7.04
N GLU A 20 -9.10 -18.86 -7.77
CA GLU A 20 -7.68 -18.61 -8.11
C GLU A 20 -6.85 -18.32 -6.83
N PHE A 21 -7.43 -17.57 -5.86
CA PHE A 21 -6.70 -17.26 -4.63
C PHE A 21 -6.40 -18.55 -3.81
N GLN A 22 -7.43 -19.43 -3.70
CA GLN A 22 -7.25 -20.70 -3.02
C GLN A 22 -6.17 -21.59 -3.71
N TRP A 23 -6.21 -21.60 -5.06
CA TRP A 23 -5.17 -22.34 -5.82
C TRP A 23 -3.78 -21.78 -5.54
N ALA A 24 -3.65 -20.46 -5.57
CA ALA A 24 -2.33 -19.83 -5.24
C ALA A 24 -1.89 -20.23 -3.82
N TRP A 25 -2.82 -20.12 -2.85
CA TRP A 25 -2.53 -20.51 -1.44
C TRP A 25 -1.99 -21.95 -1.39
N GLN A 26 -2.62 -22.88 -2.11
CA GLN A 26 -2.12 -24.27 -2.15
C GLN A 26 -0.67 -24.37 -2.65
N GLY A 27 -0.33 -23.52 -3.65
CA GLY A 27 1.07 -23.49 -4.10
C GLY A 27 2.06 -22.97 -3.03
N TYR A 28 1.64 -21.91 -2.29
CA TYR A 28 2.40 -21.41 -1.16
C TYR A 28 2.65 -22.54 -0.10
N VAL A 29 1.54 -23.22 0.30
CA VAL A 29 1.70 -24.30 1.28
C VAL A 29 2.67 -25.37 0.76
N ALA A 30 2.57 -25.73 -0.52
CA ALA A 30 3.40 -26.83 -1.06
C ALA A 30 4.88 -26.45 -1.17
N LYS A 31 5.20 -25.17 -1.52
CA LYS A 31 6.56 -24.80 -1.89
C LYS A 31 7.26 -23.81 -0.95
N ALA A 32 6.49 -23.07 -0.14
CA ALA A 32 7.06 -21.92 0.59
C ALA A 32 6.51 -21.79 2.03
N TRP A 33 6.07 -22.90 2.65
CA TRP A 33 5.30 -22.81 3.92
C TRP A 33 6.18 -22.15 5.00
N GLY A 34 5.66 -21.07 5.62
CA GLY A 34 6.41 -20.34 6.65
C GLY A 34 7.49 -19.39 6.14
N LYS A 35 7.67 -19.35 4.83
CA LYS A 35 8.73 -18.51 4.21
C LYS A 35 8.13 -17.15 3.74
N ASP A 36 9.00 -16.20 3.46
CA ASP A 36 8.51 -14.84 3.20
C ASP A 36 7.75 -14.72 1.85
N GLU A 37 8.35 -15.17 0.74
CA GLU A 37 7.68 -15.08 -0.58
C GLU A 37 7.90 -16.38 -1.37
N ILE A 38 6.88 -16.72 -2.17
CA ILE A 38 7.07 -17.78 -3.19
C ILE A 38 7.57 -17.18 -4.50
N ASN A 39 8.47 -17.96 -5.13
CA ASN A 39 8.93 -17.77 -6.53
C ASN A 39 8.16 -18.83 -7.35
N PRO A 40 7.02 -18.47 -7.99
CA PRO A 40 6.05 -19.48 -8.44
C PRO A 40 6.36 -20.12 -9.82
N VAL A 41 7.45 -19.68 -10.48
CA VAL A 41 7.88 -20.31 -11.74
C VAL A 41 8.81 -21.48 -11.36
N SER A 42 9.84 -21.21 -10.54
CA SER A 42 10.74 -22.27 -10.04
C SER A 42 10.10 -23.19 -8.97
N GLY A 43 9.07 -22.66 -8.28
CA GLY A 43 8.52 -23.41 -7.12
C GLY A 43 9.45 -23.43 -5.90
N THR A 44 10.02 -22.25 -5.57
CA THR A 44 10.96 -22.10 -4.45
C THR A 44 10.54 -20.89 -3.61
N SER A 45 11.29 -20.60 -2.56
CA SER A 45 11.01 -19.46 -1.70
C SER A 45 12.17 -18.50 -1.61
N ARG A 46 11.88 -17.27 -1.15
CA ARG A 46 12.94 -16.31 -0.79
C ARG A 46 12.55 -15.55 0.48
N SER A 47 13.60 -15.01 1.15
CA SER A 47 13.44 -14.13 2.31
C SER A 47 13.17 -12.70 1.85
N PHE A 48 12.52 -11.92 2.72
CA PHE A 48 12.23 -10.49 2.47
C PHE A 48 12.94 -9.57 3.44
N PHE A 49 12.70 -9.72 4.75
CA PHE A 49 13.26 -8.75 5.72
C PHE A 49 14.72 -9.01 6.07
N ILE A 50 15.03 -10.27 6.42
CA ILE A 50 16.37 -10.67 6.93
C ILE A 50 16.76 -11.94 6.21
N GLU A 51 17.82 -11.90 5.37
CA GLU A 51 18.21 -13.08 4.62
C GLU A 51 18.46 -14.32 5.54
N GLY A 52 17.78 -15.42 5.24
CA GLY A 52 17.91 -16.63 5.97
C GLY A 52 17.14 -16.69 7.31
N HIS A 53 16.39 -15.64 7.66
CA HIS A 53 15.53 -15.61 8.85
C HIS A 53 14.15 -15.11 8.43
N ASP A 54 13.41 -15.99 7.77
CA ASP A 54 12.07 -15.63 7.26
C ASP A 54 11.10 -15.42 8.46
N LEU A 55 10.05 -14.62 8.21
CA LEU A 55 9.04 -14.27 9.21
C LEU A 55 7.61 -14.57 8.63
N GLY A 56 7.48 -15.57 7.75
CA GLY A 56 6.16 -15.91 7.24
C GLY A 56 5.44 -14.77 6.54
N LEU A 57 6.17 -13.89 5.86
CA LEU A 57 5.56 -12.63 5.36
C LEU A 57 4.25 -12.88 4.55
N SER A 58 4.33 -13.71 3.48
CA SER A 58 3.15 -13.84 2.59
C SER A 58 1.95 -14.50 3.29
N LEU A 59 2.25 -15.44 4.20
CA LEU A 59 1.22 -16.04 5.04
C LEU A 59 0.46 -14.96 5.83
N VAL A 60 1.24 -14.09 6.53
CA VAL A 60 0.62 -13.00 7.31
C VAL A 60 -0.20 -12.06 6.41
N GLU A 61 0.39 -11.68 5.25
CA GLU A 61 -0.30 -10.77 4.32
C GLU A 61 -1.59 -11.35 3.79
N ALA A 62 -1.69 -12.67 3.64
CA ALA A 62 -2.89 -13.34 3.11
C ALA A 62 -4.07 -13.41 4.09
N LEU A 63 -3.81 -13.31 5.42
CA LEU A 63 -4.83 -13.77 6.38
C LEU A 63 -6.17 -13.06 6.26
N ASP A 64 -6.22 -11.72 6.27
CA ASP A 64 -7.53 -11.06 6.20
C ASP A 64 -8.23 -11.35 4.87
N THR A 65 -7.48 -11.46 3.75
CA THR A 65 -8.10 -11.83 2.47
C THR A 65 -8.78 -13.19 2.54
N LEU A 66 -8.11 -14.21 3.12
CA LEU A 66 -8.70 -15.55 3.28
C LEU A 66 -10.01 -15.46 4.06
N TRP A 67 -10.01 -14.73 5.18
CA TRP A 67 -11.24 -14.62 6.00
C TRP A 67 -12.40 -13.96 5.24
N ILE A 68 -12.09 -12.85 4.54
CA ILE A 68 -13.14 -12.13 3.77
C ILE A 68 -13.79 -13.06 2.73
N MET A 69 -12.97 -13.91 2.07
CA MET A 69 -13.44 -14.85 1.07
C MET A 69 -14.16 -16.09 1.62
N GLY A 70 -14.21 -16.24 2.97
CA GLY A 70 -14.79 -17.51 3.49
C GLY A 70 -13.92 -18.72 3.29
N LEU A 71 -12.62 -18.51 3.11
CA LEU A 71 -11.65 -19.63 3.06
C LEU A 71 -11.18 -19.94 4.50
N ASP A 72 -12.13 -20.45 5.30
CA ASP A 72 -11.97 -20.50 6.77
C ASP A 72 -10.93 -21.49 7.26
N ALA A 73 -10.92 -22.70 6.63
CA ALA A 73 -9.88 -23.71 7.00
C ALA A 73 -8.46 -23.15 6.71
N GLU A 74 -8.32 -22.48 5.54
CA GLU A 74 -7.00 -21.92 5.19
C GLU A 74 -6.60 -20.78 6.16
N PHE A 75 -7.57 -19.87 6.43
CA PHE A 75 -7.34 -18.77 7.41
C PHE A 75 -6.84 -19.37 8.77
N GLN A 76 -7.56 -20.39 9.28
CA GLN A 76 -7.21 -20.97 10.58
C GLN A 76 -5.81 -21.64 10.54
N ALA A 77 -5.49 -22.30 9.42
CA ALA A 77 -4.17 -22.91 9.28
C ALA A 77 -3.05 -21.83 9.41
N GLY A 78 -3.28 -20.67 8.74
CA GLY A 78 -2.34 -19.55 8.84
C GLY A 78 -2.23 -18.95 10.25
N VAL A 79 -3.40 -18.68 10.85
CA VAL A 79 -3.44 -18.14 12.23
C VAL A 79 -2.68 -19.11 13.21
N ASP A 80 -2.96 -20.42 13.06
CA ASP A 80 -2.31 -21.39 13.95
C ASP A 80 -0.81 -21.45 13.78
N TRP A 81 -0.33 -21.29 12.49
CA TRP A 81 1.11 -21.17 12.24
C TRP A 81 1.71 -19.98 12.96
N VAL A 82 1.05 -18.80 12.85
CA VAL A 82 1.54 -17.59 13.51
C VAL A 82 1.66 -17.80 15.05
N LYS A 83 0.58 -18.36 15.66
CA LYS A 83 0.57 -18.49 17.08
CA LYS A 83 0.52 -18.53 17.09
C LYS A 83 1.66 -19.43 17.59
N ALA A 84 1.99 -20.52 16.83
CA ALA A 84 3.02 -21.51 17.23
C ALA A 84 4.46 -21.02 16.96
N ASN A 85 4.63 -20.18 15.92
CA ASN A 85 5.97 -20.02 15.26
C ASN A 85 6.51 -18.60 15.20
N LEU A 86 5.65 -17.56 15.14
CA LEU A 86 6.14 -16.21 14.76
C LEU A 86 6.66 -15.43 15.96
N SER A 87 7.95 -15.12 15.98
CA SER A 87 8.75 -14.47 17.05
CA SER A 87 8.46 -14.24 17.02
C SER A 87 9.53 -13.31 16.42
N PHE A 88 9.69 -12.20 17.13
CA PHE A 88 10.45 -11.06 16.64
C PHE A 88 11.73 -10.80 17.46
N ASP A 89 12.07 -11.68 18.36
CA ASP A 89 13.34 -11.56 19.14
C ASP A 89 14.47 -12.08 18.29
N VAL A 90 14.91 -11.26 17.31
CA VAL A 90 15.85 -11.65 16.27
C VAL A 90 16.98 -10.64 16.15
N ASP A 91 18.24 -11.10 16.19
CA ASP A 91 19.43 -10.26 16.08
C ASP A 91 19.69 -10.01 14.58
N GLY A 92 18.87 -9.10 14.01
CA GLY A 92 18.95 -8.71 12.61
C GLY A 92 18.21 -7.41 12.32
N ASN A 93 18.59 -6.73 11.23
CA ASN A 93 18.02 -5.44 10.88
C ASN A 93 16.74 -5.59 10.03
N ALA A 94 15.70 -4.90 10.48
CA ALA A 94 14.42 -4.85 9.73
C ALA A 94 14.13 -3.45 9.30
N GLN A 95 13.61 -3.27 8.06
CA GLN A 95 13.20 -1.97 7.54
C GLN A 95 11.89 -1.59 8.22
N VAL A 96 11.89 -0.45 8.96
CA VAL A 96 10.78 -0.04 9.85
C VAL A 96 9.46 0.11 9.06
N PHE A 97 9.53 0.81 7.91
CA PHE A 97 8.35 1.07 7.06
C PHE A 97 7.68 -0.23 6.64
N GLU A 98 8.49 -1.11 6.01
CA GLU A 98 7.94 -2.38 5.45
C GLU A 98 7.36 -3.26 6.60
N THR A 99 8.09 -3.30 7.72
CA THR A 99 7.69 -4.14 8.86
C THR A 99 6.34 -3.67 9.42
N ASN A 100 6.14 -2.34 9.54
CA ASN A 100 4.86 -1.84 10.03
C ASN A 100 3.71 -2.13 9.06
N ILE A 101 3.86 -1.75 7.77
CA ILE A 101 2.67 -1.84 6.89
C ILE A 101 2.29 -3.29 6.61
N ARG A 102 3.29 -4.18 6.56
CA ARG A 102 3.05 -5.60 6.21
C ARG A 102 2.73 -6.49 7.44
N LEU A 103 3.62 -6.47 8.45
CA LEU A 103 3.51 -7.37 9.57
C LEU A 103 2.66 -6.81 10.72
N VAL A 104 2.90 -5.55 11.19
CA VAL A 104 1.99 -5.00 12.24
C VAL A 104 0.57 -4.94 11.66
N GLY A 105 0.44 -4.36 10.45
CA GLY A 105 -0.91 -4.23 9.86
C GLY A 105 -1.59 -5.57 9.56
N GLY A 106 -0.82 -6.58 9.10
CA GLY A 106 -1.37 -7.88 8.76
C GLY A 106 -1.85 -8.63 10.04
N LEU A 107 -1.09 -8.52 11.11
CA LEU A 107 -1.51 -9.09 12.41
C LEU A 107 -2.75 -8.37 12.96
N LEU A 108 -2.83 -7.04 12.81
CA LEU A 108 -4.02 -6.30 13.28
C LEU A 108 -5.29 -6.70 12.55
N SER A 109 -5.23 -6.81 11.20
CA SER A 109 -6.46 -7.15 10.45
C SER A 109 -6.88 -8.60 10.80
N ALA A 110 -5.91 -9.54 10.91
CA ALA A 110 -6.28 -10.89 11.32
C ALA A 110 -6.84 -10.93 12.75
N HIS A 111 -6.32 -10.12 13.64
CA HIS A 111 -6.89 -9.97 14.99
C HIS A 111 -8.33 -9.48 14.97
N LEU A 112 -8.61 -8.43 14.19
CA LEU A 112 -9.95 -7.87 14.13
C LEU A 112 -10.95 -8.84 13.52
N ALA A 113 -10.51 -9.66 12.56
CA ALA A 113 -11.41 -10.64 11.94
C ALA A 113 -11.78 -11.80 12.91
N SER A 114 -10.79 -12.25 13.66
CA SER A 114 -10.91 -13.47 14.48
C SER A 114 -11.22 -13.23 15.96
N GLY A 115 -10.88 -12.05 16.45
CA GLY A 115 -10.88 -11.78 17.87
C GLY A 115 -9.74 -12.40 18.69
N ASP A 116 -8.76 -13.05 18.05
CA ASP A 116 -7.79 -13.88 18.83
C ASP A 116 -6.76 -12.94 19.52
N PRO A 117 -6.70 -12.95 20.87
CA PRO A 117 -5.77 -12.02 21.55
C PRO A 117 -4.30 -12.20 21.20
N VAL A 118 -3.87 -13.43 20.85
CA VAL A 118 -2.43 -13.65 20.57
C VAL A 118 -1.97 -12.79 19.38
N LEU A 119 -2.87 -12.59 18.40
CA LEU A 119 -2.47 -11.80 17.21
C LEU A 119 -2.23 -10.32 17.58
N LEU A 120 -3.06 -9.78 18.49
CA LEU A 120 -2.81 -8.46 19.04
C LEU A 120 -1.51 -8.39 19.87
N ALA A 121 -1.26 -9.38 20.73
CA ALA A 121 -0.03 -9.41 21.55
C ALA A 121 1.20 -9.34 20.59
N LYS A 122 1.18 -10.11 19.52
CA LYS A 122 2.33 -10.13 18.57
C LYS A 122 2.46 -8.81 17.81
N ALA A 123 1.33 -8.20 17.38
CA ALA A 123 1.37 -6.87 16.73
C ALA A 123 2.01 -5.82 17.65
N ARG A 124 1.60 -5.86 18.93
CA ARG A 124 2.09 -4.88 19.89
C ARG A 124 3.59 -5.09 20.23
N ASP A 125 4.01 -6.36 20.41
CA ASP A 125 5.42 -6.68 20.63
C ASP A 125 6.29 -6.07 19.50
N LEU A 126 5.82 -6.26 18.24
CA LEU A 126 6.56 -5.78 17.07
C LEU A 126 6.59 -4.24 17.07
N ALA A 127 5.45 -3.60 17.32
CA ALA A 127 5.43 -2.12 17.38
C ALA A 127 6.40 -1.59 18.44
N ASP A 128 6.50 -2.26 19.60
CA ASP A 128 7.45 -1.80 20.62
C ASP A 128 8.91 -1.89 20.17
N ARG A 129 9.22 -2.88 19.35
CA ARG A 129 10.58 -2.99 18.76
C ARG A 129 10.84 -1.86 17.73
N LEU A 130 9.83 -1.55 16.90
CA LEU A 130 9.90 -0.46 15.94
C LEU A 130 10.00 0.94 16.63
N ALA A 131 9.38 1.06 17.82
CA ALA A 131 9.37 2.37 18.52
C ALA A 131 10.78 2.87 18.80
N LYS A 132 11.74 1.92 18.98
CA LYS A 132 13.12 2.32 19.25
CA LYS A 132 13.13 2.32 19.24
C LYS A 132 13.71 3.20 18.09
N ALA A 133 13.23 2.99 16.84
CA ALA A 133 13.71 3.75 15.67
C ALA A 133 13.29 5.24 15.81
N PHE A 134 12.08 5.49 16.36
CA PHE A 134 11.56 6.87 16.60
C PHE A 134 12.28 7.52 17.80
N GLU A 135 12.52 6.74 18.84
CA GLU A 135 13.16 7.26 20.09
C GLU A 135 14.62 7.66 19.85
N ALA A 136 15.26 7.12 18.78
CA ALA A 136 16.65 7.41 18.45
C ALA A 136 16.82 8.78 17.69
N SER A 137 15.72 9.52 17.43
CA SER A 137 15.74 10.85 16.82
C SER A 137 15.26 11.89 17.84
N PRO A 138 15.94 13.05 17.97
CA PRO A 138 15.43 14.11 18.83
C PRO A 138 14.16 14.77 18.31
N HIS A 139 13.83 14.54 17.02
CA HIS A 139 12.59 15.02 16.36
C HIS A 139 11.46 13.98 16.37
N GLY A 140 11.75 12.74 16.80
CA GLY A 140 10.78 11.66 16.68
C GLY A 140 10.61 11.16 15.23
N LEU A 141 11.55 11.44 14.34
CA LEU A 141 11.51 10.92 12.94
C LEU A 141 12.21 9.55 12.95
N PRO A 142 11.50 8.48 12.50
CA PRO A 142 12.16 7.15 12.61
C PRO A 142 13.36 6.99 11.66
N TRP A 143 14.43 6.38 12.21
CA TRP A 143 15.51 5.79 11.35
C TRP A 143 14.91 4.68 10.47
N ARG A 144 15.56 4.44 9.30
CA ARG A 144 14.94 3.48 8.35
C ARG A 144 15.01 2.02 8.78
N TYR A 145 16.07 1.61 9.52
CA TYR A 145 16.29 0.23 9.94
C TYR A 145 16.49 0.17 11.44
N VAL A 146 16.01 -0.90 12.04
CA VAL A 146 16.27 -1.16 13.47
C VAL A 146 16.57 -2.67 13.66
N ASN A 147 17.50 -2.99 14.58
CA ASN A 147 17.74 -4.39 14.96
C ASN A 147 16.60 -4.81 15.94
N LEU A 148 15.84 -5.84 15.57
CA LEU A 148 14.63 -6.23 16.30
C LEU A 148 14.92 -6.63 17.77
N ARG A 149 16.13 -7.19 18.03
CA ARG A 149 16.56 -7.59 19.36
C ARG A 149 17.20 -6.45 20.17
N THR A 150 18.15 -5.74 19.56
CA THR A 150 19.01 -4.83 20.31
C THR A 150 18.58 -3.36 20.27
N GLY A 151 17.73 -2.96 19.32
CA GLY A 151 17.32 -1.58 19.20
C GLY A 151 18.30 -0.70 18.39
N ALA A 152 19.45 -1.23 17.94
CA ALA A 152 20.43 -0.38 17.23
C ALA A 152 19.82 0.08 15.89
N VAL A 153 20.04 1.34 15.52
CA VAL A 153 19.46 1.93 14.30
C VAL A 153 20.52 2.12 13.20
N SER A 154 20.02 2.20 11.98
CA SER A 154 20.91 2.53 10.83
CA SER A 154 20.89 2.45 10.79
C SER A 154 20.08 3.22 9.73
N ASP A 155 20.78 4.16 9.04
CA ASP A 155 20.28 4.95 7.89
C ASP A 155 19.18 5.97 8.23
N PRO A 156 19.60 7.22 8.57
CA PRO A 156 18.63 8.29 8.86
C PRO A 156 18.24 9.13 7.61
N GLU A 157 18.75 8.74 6.40
CA GLU A 157 18.43 9.52 5.21
C GLU A 157 17.14 8.92 4.59
N THR A 158 16.04 9.40 5.14
CA THR A 158 14.71 8.82 4.95
C THR A 158 13.84 9.74 4.07
N ASN A 159 12.50 9.54 4.14
CA ASN A 159 11.60 10.15 3.19
C ASN A 159 10.17 10.17 3.75
N LEU A 160 9.29 10.94 3.13
CA LEU A 160 7.91 11.11 3.69
C LEU A 160 7.20 9.76 3.86
N ALA A 161 7.29 8.86 2.89
CA ALA A 161 6.58 7.55 3.05
C ALA A 161 7.13 6.81 4.29
N GLU A 162 8.47 6.80 4.46
CA GLU A 162 9.08 6.01 5.52
C GLU A 162 9.09 6.70 6.91
N ILE A 163 8.69 7.99 7.00
CA ILE A 163 8.42 8.63 8.32
CA ILE A 163 8.40 8.66 8.31
C ILE A 163 6.92 8.80 8.62
N GLY A 164 6.04 8.59 7.62
CA GLY A 164 4.62 8.99 7.71
C GLY A 164 3.59 7.99 7.29
N THR A 165 3.94 6.68 7.44
CA THR A 165 3.01 5.60 7.11
C THR A 165 2.90 4.61 8.34
N TYR A 166 2.50 5.21 9.49
CA TYR A 166 2.39 4.51 10.75
C TYR A 166 1.08 4.79 11.49
N LEU A 167 0.46 5.96 11.24
CA LEU A 167 -0.63 6.44 12.15
C LEU A 167 -1.83 5.52 12.09
N SER A 168 -2.15 4.86 10.97
CA SER A 168 -3.33 3.97 10.97
C SER A 168 -3.13 2.75 11.89
N GLU A 169 -1.99 2.05 11.69
CA GLU A 169 -1.72 0.85 12.49
C GLU A 169 -1.48 1.21 13.95
N PHE A 170 -0.64 2.24 14.18
CA PHE A 170 -0.30 2.68 15.55
C PHE A 170 -1.57 3.25 16.28
N GLY A 171 -2.40 4.00 15.52
CA GLY A 171 -3.63 4.53 16.14
C GLY A 171 -4.64 3.44 16.48
N VAL A 172 -4.78 2.41 15.65
CA VAL A 172 -5.59 1.24 16.01
C VAL A 172 -5.01 0.50 17.23
N LEU A 173 -3.68 0.35 17.29
CA LEU A 173 -3.05 -0.19 18.53
CA LEU A 173 -3.08 -0.21 18.49
C LEU A 173 -3.43 0.66 19.73
N SER A 174 -3.36 1.99 19.65
CA SER A 174 -3.77 2.82 20.78
C SER A 174 -5.24 2.58 21.19
N GLN A 175 -6.17 2.49 20.21
CA GLN A 175 -7.61 2.21 20.49
CA GLN A 175 -7.58 2.24 20.54
C GLN A 175 -7.77 0.87 21.24
N LEU A 176 -7.12 -0.19 20.75
CA LEU A 176 -7.35 -1.54 21.30
C LEU A 176 -6.67 -1.72 22.65
N THR A 177 -5.48 -1.12 22.84
CA THR A 177 -4.66 -1.34 24.05
C THR A 177 -5.01 -0.35 25.18
N GLY A 178 -5.53 0.82 24.79
CA GLY A 178 -5.68 1.97 25.68
C GLY A 178 -4.49 2.85 25.90
N GLU A 179 -3.35 2.53 25.26
CA GLU A 179 -2.11 3.31 25.40
C GLU A 179 -1.94 4.27 24.24
N ARG A 180 -2.06 5.58 24.51
CA ARG A 180 -2.00 6.60 23.47
C ARG A 180 -0.57 6.82 22.91
N LYS A 181 0.45 6.25 23.54
CA LYS A 181 1.84 6.48 23.10
C LYS A 181 2.04 6.17 21.59
N TYR A 182 1.39 5.14 21.07
CA TYR A 182 1.58 4.74 19.64
C TYR A 182 1.06 5.83 18.71
N PHE A 183 -0.24 6.19 18.88
CA PHE A 183 -0.83 7.29 18.09
C PHE A 183 0.06 8.55 18.17
N ASP A 184 0.50 8.89 19.39
CA ASP A 184 1.22 10.19 19.55
C ASP A 184 2.60 10.15 18.78
N MET A 185 3.32 9.02 18.86
CA MET A 185 4.60 8.88 18.18
CA MET A 185 4.60 8.87 18.19
C MET A 185 4.43 9.00 16.65
N ALA A 186 3.39 8.33 16.12
CA ALA A 186 3.18 8.42 14.68
C ALA A 186 2.79 9.86 14.24
N LYS A 187 1.88 10.49 14.98
CA LYS A 187 1.40 11.83 14.58
C LYS A 187 2.53 12.88 14.67
N ARG A 188 3.40 12.78 15.72
CA ARG A 188 4.50 13.73 15.91
C ARG A 188 5.42 13.77 14.65
N ALA A 189 5.74 12.59 14.09
CA ALA A 189 6.62 12.53 12.92
C ALA A 189 5.99 13.23 11.68
N MET A 190 4.66 13.03 11.48
CA MET A 190 3.96 13.70 10.36
C MET A 190 3.91 15.22 10.57
N ARG A 191 3.59 15.66 11.81
CA ARG A 191 3.55 17.10 12.08
CA ARG A 191 3.57 17.10 12.19
C ARG A 191 4.88 17.79 11.81
N HIS A 192 6.01 17.09 12.03
CA HIS A 192 7.34 17.68 11.80
C HIS A 192 7.46 18.24 10.37
N THR A 193 7.15 17.40 9.35
CA THR A 193 7.34 17.83 8.00
C THR A 193 6.25 18.82 7.58
N LEU A 194 4.99 18.67 8.08
CA LEU A 194 3.92 19.63 7.79
C LEU A 194 4.25 21.06 8.31
N ASP A 195 4.91 21.12 9.47
CA ASP A 195 5.30 22.40 10.00
C ASP A 195 6.39 23.10 9.17
N ARG A 196 7.05 22.36 8.26
CA ARG A 196 8.13 22.85 7.40
C ARG A 196 7.67 22.94 5.92
N ARG A 197 6.35 22.97 5.68
CA ARG A 197 5.83 23.30 4.35
C ARG A 197 6.36 24.63 3.84
N SER A 198 6.57 24.72 2.53
CA SER A 198 6.93 25.99 1.88
C SER A 198 5.72 26.95 1.87
N LYS A 199 5.96 28.19 1.39
CA LYS A 199 4.85 29.19 1.27
C LYS A 199 3.78 28.71 0.30
N ILE A 200 4.17 27.88 -0.70
CA ILE A 200 3.18 27.30 -1.67
C ILE A 200 2.51 26.00 -1.17
N GLY A 201 2.84 25.56 0.06
CA GLY A 201 2.07 24.46 0.65
C GLY A 201 2.61 23.06 0.38
N LEU A 202 3.83 22.93 -0.13
CA LEU A 202 4.44 21.62 -0.46
C LEU A 202 5.56 21.27 0.51
N MET A 203 5.86 19.98 0.59
CA MET A 203 7.03 19.43 1.30
C MET A 203 7.97 18.74 0.30
N ALA A 204 9.30 18.92 0.46
CA ALA A 204 10.21 18.03 -0.24
C ALA A 204 10.02 16.58 0.27
N ALA A 205 10.35 15.60 -0.56
CA ALA A 205 10.01 14.18 -0.24
C ALA A 205 11.08 13.48 0.59
N ASN A 206 12.29 14.05 0.65
CA ASN A 206 13.50 13.44 1.24
C ASN A 206 13.87 14.22 2.54
N ILE A 207 14.04 13.52 3.66
CA ILE A 207 14.23 14.19 4.98
C ILE A 207 15.24 13.38 5.81
N HIS A 208 16.05 14.12 6.60
CA HIS A 208 17.03 13.51 7.49
C HIS A 208 16.51 13.39 8.93
N ALA A 209 16.56 12.15 9.49
CA ALA A 209 15.94 11.91 10.84
C ALA A 209 16.67 12.63 11.96
N MET A 210 17.95 12.94 11.83
CA MET A 210 18.69 13.60 12.92
C MET A 210 18.76 15.12 12.81
N THR A 211 18.96 15.68 11.60
CA THR A 211 18.92 17.14 11.46
C THR A 211 17.50 17.65 11.41
N GLY A 212 16.55 16.81 10.99
CA GLY A 212 15.17 17.24 10.74
C GLY A 212 14.95 18.09 9.50
N ALA A 213 16.01 18.25 8.68
CA ALA A 213 15.95 19.07 7.48
C ALA A 213 15.70 18.24 6.21
N PHE A 214 15.05 18.92 5.23
CA PHE A 214 14.93 18.29 3.90
C PHE A 214 16.33 18.05 3.27
N THR A 215 16.47 16.94 2.52
CA THR A 215 17.72 16.53 1.86
C THR A 215 17.59 16.61 0.31
N SER A 216 16.43 16.98 -0.20
CA SER A 216 16.26 17.32 -1.61
C SER A 216 15.32 18.53 -1.69
N ARG A 217 15.09 18.99 -2.92
CA ARG A 217 14.09 20.05 -3.16
C ARG A 217 12.85 19.53 -3.91
N ASN A 218 12.69 18.20 -4.08
CA ASN A 218 11.63 17.66 -4.93
C ASN A 218 10.36 17.29 -4.17
N ALA A 219 9.26 17.96 -4.48
CA ALA A 219 7.93 17.50 -4.02
C ALA A 219 7.46 16.38 -4.96
N SER A 220 6.78 15.38 -4.39
CA SER A 220 6.34 14.14 -5.10
C SER A 220 4.98 13.72 -4.59
N ILE A 221 4.18 13.08 -5.49
CA ILE A 221 2.98 12.34 -5.06
C ILE A 221 3.23 10.80 -5.08
N ASP A 222 4.39 10.37 -5.60
CA ASP A 222 4.64 8.90 -5.79
C ASP A 222 5.90 8.47 -5.07
N VAL A 223 7.03 8.43 -5.80
CA VAL A 223 8.27 7.91 -5.19
CA VAL A 223 8.35 8.04 -5.28
C VAL A 223 8.64 8.80 -4.01
N TYR A 224 9.06 8.14 -2.93
CA TYR A 224 9.49 8.77 -1.66
C TYR A 224 8.32 9.34 -0.79
N ALA A 225 7.04 9.28 -1.24
CA ALA A 225 6.02 10.07 -0.55
C ALA A 225 4.58 9.50 -0.50
N ASP A 226 4.16 8.70 -1.49
CA ASP A 226 2.80 8.27 -1.73
C ASP A 226 1.92 8.22 -0.47
N SER A 227 2.18 7.26 0.44
CA SER A 227 1.24 6.97 1.52
C SER A 227 1.19 8.01 2.65
N PHE A 228 2.16 8.96 2.72
CA PHE A 228 2.05 10.06 3.69
C PHE A 228 0.66 10.76 3.52
N TYR A 229 0.35 11.13 2.26
CA TYR A 229 -0.90 11.90 2.01
C TYR A 229 -2.16 11.08 2.33
N GLU A 230 -2.09 9.80 2.00
CA GLU A 230 -3.19 8.85 2.29
CA GLU A 230 -3.20 8.87 2.36
C GLU A 230 -3.46 8.82 3.84
N TYR A 231 -2.36 8.72 4.64
CA TYR A 231 -2.57 8.51 6.09
C TYR A 231 -3.07 9.76 6.78
N LEU A 232 -2.92 10.97 6.21
CA LEU A 232 -3.59 12.16 6.73
C LEU A 232 -5.12 11.98 6.66
N TRP A 233 -5.65 11.64 5.46
CA TRP A 233 -7.10 11.39 5.38
C TRP A 233 -7.54 10.22 6.25
N ASP A 234 -6.80 9.14 6.21
CA ASP A 234 -7.19 7.92 6.90
C ASP A 234 -7.31 8.15 8.44
N ALA A 235 -6.46 9.02 8.99
CA ALA A 235 -6.51 9.32 10.43
C ALA A 235 -7.79 10.11 10.79
N TRP A 236 -8.21 11.02 9.89
CA TRP A 236 -9.57 11.63 10.08
C TRP A 236 -10.66 10.54 10.06
N ALA A 237 -10.59 9.66 9.06
CA ALA A 237 -11.68 8.66 8.91
C ALA A 237 -11.73 7.67 10.10
N LEU A 238 -10.55 7.22 10.56
CA LEU A 238 -10.48 6.21 11.63
C LEU A 238 -10.62 6.80 13.06
N PHE A 239 -9.99 7.97 13.29
CA PHE A 239 -9.83 8.51 14.66
C PHE A 239 -10.57 9.85 14.88
N GLY A 240 -11.15 10.44 13.81
CA GLY A 240 -11.75 11.80 13.94
C GLY A 240 -10.78 12.90 14.25
N ASP A 241 -9.48 12.71 13.89
CA ASP A 241 -8.46 13.72 14.18
C ASP A 241 -8.64 14.96 13.27
N GLU A 242 -8.91 16.10 13.91
CA GLU A 242 -9.21 17.34 13.18
CA GLU A 242 -9.22 17.34 13.17
C GLU A 242 -7.99 17.93 12.48
N ASP A 243 -6.80 17.77 13.09
CA ASP A 243 -5.56 18.22 12.43
C ASP A 243 -5.36 17.49 11.11
N CYS A 244 -5.48 16.16 11.17
CA CYS A 244 -5.25 15.33 9.95
C CYS A 244 -6.29 15.63 8.86
N LYS A 245 -7.55 15.91 9.24
CA LYS A 245 -8.56 16.28 8.24
C LYS A 245 -8.11 17.58 7.51
N ARG A 246 -7.70 18.59 8.28
CA ARG A 246 -7.23 19.90 7.74
C ARG A 246 -6.01 19.66 6.84
N TRP A 247 -5.00 18.96 7.35
CA TRP A 247 -3.77 18.73 6.64
C TRP A 247 -3.97 17.97 5.31
N ALA A 248 -4.89 16.96 5.32
CA ALA A 248 -5.17 16.18 4.08
C ALA A 248 -5.62 17.11 2.96
N VAL A 249 -6.63 17.94 3.29
CA VAL A 249 -7.21 18.86 2.27
C VAL A 249 -6.21 19.94 1.84
N GLU A 250 -5.47 20.51 2.81
CA GLU A 250 -4.44 21.49 2.48
C GLU A 250 -3.38 20.92 1.54
N CYS A 251 -2.86 19.70 1.84
CA CYS A 251 -1.80 19.18 1.03
C CYS A 251 -2.27 18.89 -0.40
N VAL A 252 -3.50 18.33 -0.53
CA VAL A 252 -4.02 18.01 -1.87
C VAL A 252 -4.33 19.32 -2.66
N ASP A 253 -4.84 20.38 -1.99
CA ASP A 253 -5.04 21.74 -2.57
CA ASP A 253 -5.06 21.58 -2.73
C ASP A 253 -3.75 22.20 -3.23
N ALA A 254 -2.66 22.09 -2.47
CA ALA A 254 -1.33 22.55 -2.92
C ALA A 254 -0.84 21.77 -4.14
N GLN A 255 -1.04 20.42 -4.09
CA GLN A 255 -0.66 19.58 -5.25
C GLN A 255 -1.50 19.90 -6.51
N LEU A 256 -2.81 20.14 -6.33
CA LEU A 256 -3.62 20.50 -7.51
C LEU A 256 -3.21 21.89 -8.08
N ALA A 257 -2.79 22.82 -7.23
CA ALA A 257 -2.37 24.17 -7.69
C ALA A 257 -1.01 24.11 -8.39
N HIS A 258 -0.07 23.34 -7.85
CA HIS A 258 1.35 23.45 -8.27
C HIS A 258 1.96 22.24 -8.96
N GLN A 259 1.37 21.05 -8.79
CA GLN A 259 1.86 19.81 -9.41
C GLN A 259 1.04 19.30 -10.54
N ALA A 260 -0.25 19.55 -10.55
CA ALA A 260 -1.11 19.08 -11.65
C ALA A 260 -0.72 19.76 -12.98
N LYS A 261 -0.44 18.97 -13.99
CA LYS A 261 -0.05 19.49 -15.32
C LYS A 261 -0.67 18.59 -16.39
N ARG A 262 -1.11 19.16 -17.52
CA ARG A 262 -1.63 18.36 -18.65
C ARG A 262 -0.58 18.23 -19.75
N TYR A 263 -0.37 16.98 -20.21
CA TYR A 263 0.51 16.72 -21.37
C TYR A 263 -0.34 15.91 -22.37
N ASP A 264 -0.42 16.36 -23.61
CA ASP A 264 -1.17 15.66 -24.65
C ASP A 264 -2.61 15.39 -24.23
N GLY A 265 -3.21 16.35 -23.50
CA GLY A 265 -4.61 16.27 -23.04
C GLY A 265 -4.89 15.42 -21.79
N ARG A 266 -3.87 14.81 -21.18
CA ARG A 266 -3.99 13.92 -20.04
CA ARG A 266 -4.00 13.92 -20.02
C ARG A 266 -3.40 14.58 -18.79
N LEU A 267 -4.04 14.35 -17.63
CA LEU A 267 -3.59 14.85 -16.31
C LEU A 267 -2.44 14.00 -15.75
N TRP A 268 -1.36 14.65 -15.35
CA TRP A 268 -0.23 14.04 -14.61
C TRP A 268 0.20 14.94 -13.46
N PHE A 269 1.02 14.37 -12.55
CA PHE A 269 1.55 15.08 -11.38
C PHE A 269 3.07 14.84 -11.29
N PRO A 270 3.86 15.46 -12.21
CA PRO A 270 5.32 15.30 -12.12
C PRO A 270 5.88 15.93 -10.84
N MET A 271 7.13 15.58 -10.52
CA MET A 271 7.87 16.21 -9.42
CA MET A 271 7.77 16.24 -9.39
CA MET A 271 7.95 16.18 -9.45
C MET A 271 8.13 17.68 -9.76
N VAL A 272 8.07 18.54 -8.72
CA VAL A 272 8.36 19.99 -8.84
C VAL A 272 9.24 20.44 -7.70
N ASP A 273 9.92 21.61 -7.88
CA ASP A 273 10.63 22.24 -6.78
C ASP A 273 9.63 22.66 -5.71
N PHE A 274 9.85 22.22 -4.45
CA PHE A 274 8.85 22.41 -3.41
C PHE A 274 8.58 23.87 -3.05
N GLU A 275 9.50 24.79 -3.36
CA GLU A 275 9.34 26.25 -3.13
C GLU A 275 8.90 27.05 -4.37
N THR A 276 9.51 26.72 -5.52
CA THR A 276 9.29 27.56 -6.72
C THR A 276 8.18 27.02 -7.59
N GLY A 277 7.88 25.70 -7.52
CA GLY A 277 6.93 25.05 -8.43
C GLY A 277 7.49 24.72 -9.86
N ALA A 278 8.79 24.94 -10.10
CA ALA A 278 9.35 24.58 -11.44
C ALA A 278 9.31 23.02 -11.55
N VAL A 279 8.99 22.49 -12.73
CA VAL A 279 9.05 21.01 -12.95
C VAL A 279 10.50 20.54 -12.87
N THR A 280 10.74 19.50 -12.05
CA THR A 280 12.06 18.95 -11.83
C THR A 280 12.22 17.53 -12.39
N GLY A 281 11.16 16.89 -12.84
CA GLY A 281 11.29 15.55 -13.48
C GLY A 281 10.18 15.32 -14.43
N THR A 282 10.36 14.30 -15.28
CA THR A 282 9.33 13.93 -16.25
C THR A 282 8.77 12.50 -16.03
N ALA A 283 9.15 11.84 -14.92
CA ALA A 283 8.69 10.48 -14.68
C ALA A 283 7.40 10.49 -13.84
N GLN A 284 6.49 9.54 -14.13
CA GLN A 284 5.40 9.17 -13.24
C GLN A 284 5.44 7.65 -13.02
N SER A 285 5.45 7.23 -11.74
CA SER A 285 5.40 5.80 -11.38
C SER A 285 3.98 5.26 -11.54
N GLU A 286 3.88 3.96 -11.87
CA GLU A 286 2.58 3.25 -11.73
C GLU A 286 2.01 3.43 -10.33
N LEU A 287 2.87 3.55 -9.32
CA LEU A 287 2.45 3.74 -7.87
CA LEU A 287 2.30 3.57 -8.00
C LEU A 287 1.53 4.89 -7.70
N ALA A 288 1.65 5.91 -8.57
CA ALA A 288 0.82 7.12 -8.44
C ALA A 288 -0.67 6.87 -8.62
N ALA A 289 -1.06 5.72 -9.19
CA ALA A 289 -2.50 5.51 -9.50
C ALA A 289 -3.34 5.52 -8.21
N TYR A 290 -2.76 5.17 -7.03
CA TYR A 290 -3.48 5.28 -5.70
CA TYR A 290 -3.59 5.20 -5.83
CA TYR A 290 -3.52 5.24 -5.76
C TYR A 290 -4.15 6.63 -5.58
N TYR A 291 -3.48 7.70 -6.05
CA TYR A 291 -3.87 9.06 -5.79
C TYR A 291 -5.22 9.41 -6.40
N ALA A 292 -5.60 8.75 -7.50
CA ALA A 292 -6.95 8.95 -8.09
C ALA A 292 -8.05 8.67 -7.05
N GLY A 293 -7.87 7.57 -6.26
CA GLY A 293 -8.83 7.26 -5.20
C GLY A 293 -8.78 8.27 -4.02
N LEU A 294 -7.56 8.67 -3.60
CA LEU A 294 -7.43 9.69 -2.52
C LEU A 294 -8.16 11.02 -2.93
N LEU A 295 -8.00 11.44 -4.17
CA LEU A 295 -8.69 12.63 -4.65
C LEU A 295 -10.20 12.52 -4.42
N GLY A 296 -10.80 11.37 -4.79
CA GLY A 296 -12.23 11.17 -4.47
C GLY A 296 -12.55 11.23 -2.98
N GLN A 297 -11.73 10.56 -2.14
CA GLN A 297 -12.02 10.55 -0.70
C GLN A 297 -12.03 11.94 -0.06
N VAL A 298 -11.13 12.83 -0.46
CA VAL A 298 -11.02 14.15 0.17
C VAL A 298 -11.98 15.16 -0.43
N GLY A 299 -12.90 14.74 -1.34
CA GLY A 299 -13.89 15.66 -1.91
C GLY A 299 -13.50 16.27 -3.22
N ARG A 300 -12.65 15.59 -4.01
CA ARG A 300 -12.16 16.04 -5.32
CA ARG A 300 -12.28 16.00 -5.37
C ARG A 300 -12.45 14.86 -6.35
N LYS A 301 -13.68 14.34 -6.37
CA LYS A 301 -13.93 13.16 -7.21
CA LYS A 301 -14.07 13.21 -7.20
C LYS A 301 -13.81 13.42 -8.71
N ALA A 302 -14.26 14.60 -9.22
CA ALA A 302 -14.05 14.86 -10.67
C ALA A 302 -12.59 14.81 -11.09
N GLN A 303 -11.71 15.40 -10.26
CA GLN A 303 -10.26 15.36 -10.47
CA GLN A 303 -10.27 15.36 -10.54
C GLN A 303 -9.73 13.92 -10.40
N GLY A 304 -10.24 13.16 -9.40
CA GLY A 304 -9.87 11.76 -9.25
C GLY A 304 -10.22 10.92 -10.47
N ASP A 305 -11.43 11.10 -11.03
CA ASP A 305 -11.82 10.42 -12.25
C ASP A 305 -10.93 10.83 -13.45
N ASP A 306 -10.60 12.13 -13.54
CA ASP A 306 -9.71 12.58 -14.64
C ASP A 306 -8.32 11.88 -14.51
N TYR A 307 -7.79 11.78 -13.28
CA TYR A 307 -6.52 11.10 -13.08
C TYR A 307 -6.57 9.59 -13.37
N LEU A 308 -7.67 8.96 -12.90
CA LEU A 308 -7.83 7.53 -13.22
C LEU A 308 -7.77 7.29 -14.72
N ALA A 309 -8.41 8.20 -15.51
CA ALA A 309 -8.45 8.11 -16.96
C ALA A 309 -7.04 8.07 -17.56
N SER A 310 -6.04 8.76 -17.00
CA SER A 310 -4.65 8.65 -17.49
C SER A 310 -4.15 7.22 -17.40
N PHE A 311 -4.40 6.54 -16.26
CA PHE A 311 -4.01 5.13 -16.10
C PHE A 311 -4.87 4.17 -16.96
N THR A 312 -6.18 4.45 -17.15
CA THR A 312 -7.02 3.65 -18.04
C THR A 312 -6.44 3.65 -19.46
N TYR A 313 -5.95 4.84 -19.90
CA TYR A 313 -5.21 5.00 -21.20
CA TYR A 313 -5.33 4.92 -21.20
C TYR A 313 -4.03 4.05 -21.24
N LEU A 314 -3.18 4.07 -20.19
CA LEU A 314 -2.00 3.19 -20.18
C LEU A 314 -2.40 1.70 -20.25
N GLN A 315 -3.45 1.29 -19.50
CA GLN A 315 -3.91 -0.11 -19.55
C GLN A 315 -4.39 -0.51 -20.93
N ALA A 316 -5.18 0.37 -21.57
CA ALA A 316 -5.72 0.04 -22.92
C ALA A 316 -4.57 -0.02 -23.95
N THR A 317 -3.56 0.85 -23.80
CA THR A 317 -2.48 0.90 -24.80
C THR A 317 -1.45 -0.22 -24.61
N PHE A 318 -1.03 -0.46 -23.37
CA PHE A 318 0.08 -1.37 -23.06
C PHE A 318 -0.35 -2.70 -22.46
N GLY A 319 -1.64 -2.90 -22.11
CA GLY A 319 -2.10 -4.15 -21.49
C GLY A 319 -1.93 -4.16 -19.98
N VAL A 320 -0.65 -4.18 -19.59
CA VAL A 320 -0.19 -4.00 -18.24
C VAL A 320 0.34 -2.53 -18.14
N ILE A 321 -0.05 -1.82 -17.08
CA ILE A 321 0.42 -0.42 -16.89
C ILE A 321 1.97 -0.43 -16.71
N PRO A 322 2.73 0.35 -17.49
CA PRO A 322 4.19 0.38 -17.29
C PRO A 322 4.58 0.81 -15.90
N GLU A 323 5.68 0.23 -15.38
CA GLU A 323 6.15 0.51 -14.02
C GLU A 323 6.46 2.02 -13.84
N SER A 324 6.97 2.65 -14.91
CA SER A 324 7.27 4.11 -14.93
CA SER A 324 7.04 4.11 -14.94
C SER A 324 7.02 4.57 -16.38
N ILE A 325 6.48 5.79 -16.54
CA ILE A 325 6.28 6.43 -17.83
CA ILE A 325 6.37 6.42 -17.88
C ILE A 325 6.94 7.80 -17.86
N ASP A 326 7.29 8.27 -19.09
CA ASP A 326 7.69 9.67 -19.31
C ASP A 326 6.42 10.45 -19.67
N VAL A 327 6.03 11.41 -18.82
CA VAL A 327 4.76 12.16 -18.97
C VAL A 327 4.76 12.99 -20.29
N THR A 328 5.95 13.37 -20.80
CA THR A 328 6.03 14.18 -22.02
C THR A 328 5.71 13.39 -23.27
N THR A 329 5.85 12.09 -23.22
CA THR A 329 5.56 11.22 -24.38
C THR A 329 4.47 10.20 -24.14
N GLY A 330 4.17 9.88 -22.88
CA GLY A 330 3.23 8.82 -22.58
C GLY A 330 3.75 7.41 -22.78
N GLN A 331 5.10 7.25 -22.93
CA GLN A 331 5.70 5.91 -23.20
CA GLN A 331 5.87 5.96 -23.25
C GLN A 331 6.53 5.34 -22.00
N PRO A 332 6.78 4.01 -21.97
CA PRO A 332 7.46 3.35 -20.85
C PRO A 332 8.88 3.87 -20.67
N ARG A 333 9.31 3.94 -19.41
CA ARG A 333 10.70 4.21 -19.03
C ARG A 333 11.42 2.91 -18.56
N ARG A 334 10.64 1.90 -18.19
CA ARG A 334 11.14 0.58 -17.76
C ARG A 334 10.23 -0.49 -18.38
N LYS A 335 10.74 -1.70 -18.63
CA LYS A 335 9.95 -2.75 -19.25
C LYS A 335 9.51 -3.87 -18.27
N HIS A 336 10.14 -3.95 -17.11
CA HIS A 336 9.76 -4.90 -16.03
CA HIS A 336 9.72 -4.95 -16.11
C HIS A 336 8.57 -4.39 -15.24
N THR A 337 7.95 -5.27 -14.43
CA THR A 337 6.89 -4.84 -13.50
C THR A 337 7.08 -5.48 -12.11
N GLY A 338 6.34 -4.93 -11.15
CA GLY A 338 6.23 -5.47 -9.82
C GLY A 338 4.86 -6.13 -9.53
N LEU A 339 4.11 -6.61 -10.52
CA LEU A 339 2.76 -7.21 -10.26
C LEU A 339 1.94 -6.25 -9.34
N ARG A 340 1.75 -5.03 -9.85
CA ARG A 340 1.36 -3.91 -8.98
C ARG A 340 -0.15 -3.78 -8.78
N PRO A 341 -0.61 -3.34 -7.58
CA PRO A 341 -2.04 -3.34 -7.23
C PRO A 341 -2.73 -1.96 -7.30
N GLU A 342 -2.02 -0.86 -7.67
CA GLU A 342 -2.61 0.50 -7.44
C GLU A 342 -3.82 0.82 -8.32
N TYR A 343 -3.96 0.24 -9.52
CA TYR A 343 -5.13 0.53 -10.35
C TYR A 343 -6.45 0.00 -9.73
N PRO A 344 -6.50 -1.31 -9.33
CA PRO A 344 -7.76 -1.74 -8.64
C PRO A 344 -7.94 -1.13 -7.25
N ASP A 345 -6.86 -0.65 -6.60
CA ASP A 345 -6.96 0.16 -5.35
C ASP A 345 -7.85 1.39 -5.65
N ALA A 346 -7.47 2.17 -6.67
CA ALA A 346 -8.22 3.39 -7.03
C ALA A 346 -9.67 3.01 -7.47
N CYS A 347 -9.83 1.94 -8.28
CA CYS A 347 -11.17 1.56 -8.71
C CYS A 347 -12.09 1.27 -7.50
N LEU A 348 -11.61 0.49 -6.51
CA LEU A 348 -12.41 0.22 -5.33
C LEU A 348 -12.75 1.50 -4.55
N ASN A 349 -11.73 2.35 -4.34
CA ASN A 349 -11.97 3.57 -3.50
CA ASN A 349 -11.89 3.62 -3.54
C ASN A 349 -12.99 4.53 -4.17
N LEU A 350 -12.89 4.69 -5.50
CA LEU A 350 -13.90 5.55 -6.21
C LEU A 350 -15.29 4.89 -6.21
N TRP A 351 -15.33 3.55 -6.43
CA TRP A 351 -16.59 2.81 -6.42
C TRP A 351 -17.32 2.92 -5.05
N LEU A 352 -16.55 2.94 -3.93
CA LEU A 352 -17.22 3.05 -2.63
C LEU A 352 -18.00 4.37 -2.49
N ILE A 353 -17.69 5.41 -3.28
CA ILE A 353 -18.41 6.70 -3.23
C ILE A 353 -19.79 6.63 -3.87
N ASP A 354 -19.89 6.08 -5.08
CA ASP A 354 -21.18 6.12 -5.86
C ASP A 354 -21.70 4.76 -6.41
N ARG A 355 -20.92 3.71 -6.27
CA ARG A 355 -21.25 2.40 -6.78
C ARG A 355 -21.43 2.35 -8.33
N ASP A 356 -20.71 3.19 -9.07
CA ASP A 356 -20.84 3.18 -10.52
C ASP A 356 -20.27 1.87 -11.09
N PRO A 357 -21.07 1.10 -11.87
CA PRO A 357 -20.51 -0.16 -12.42
C PRO A 357 -19.31 0.05 -13.39
N ARG A 358 -19.12 1.28 -13.89
CA ARG A 358 -17.90 1.51 -14.72
C ARG A 358 -16.63 1.03 -13.99
N TYR A 359 -16.52 1.26 -12.67
CA TYR A 359 -15.31 0.85 -11.94
C TYR A 359 -15.13 -0.67 -11.91
N ARG A 360 -16.26 -1.40 -11.79
CA ARG A 360 -16.22 -2.87 -11.92
C ARG A 360 -15.72 -3.33 -13.28
N ARG A 361 -16.23 -2.70 -14.38
CA ARG A 361 -15.74 -3.11 -15.72
CA ARG A 361 -15.78 -2.97 -15.75
C ARG A 361 -14.25 -2.84 -15.88
N LEU A 362 -13.72 -1.70 -15.37
CA LEU A 362 -12.31 -1.39 -15.46
C LEU A 362 -11.47 -2.39 -14.66
N ALA A 363 -11.91 -2.70 -13.42
CA ALA A 363 -11.18 -3.67 -12.59
C ALA A 363 -11.20 -5.08 -13.18
N ALA A 364 -12.32 -5.45 -13.86
CA ALA A 364 -12.41 -6.79 -14.51
C ALA A 364 -11.36 -6.90 -15.65
N ILE A 365 -11.17 -5.82 -16.42
CA ILE A 365 -10.09 -5.83 -17.42
C ILE A 365 -8.73 -6.13 -16.75
N HIS A 366 -8.48 -5.43 -15.63
CA HIS A 366 -7.19 -5.58 -14.89
C HIS A 366 -7.00 -7.02 -14.35
N TYR A 367 -8.05 -7.61 -13.74
CA TYR A 367 -7.94 -9.00 -13.26
C TYR A 367 -7.70 -9.94 -14.41
N ARG A 368 -8.49 -9.85 -15.51
CA ARG A 368 -8.30 -10.74 -16.65
C ARG A 368 -6.92 -10.59 -17.26
N GLU A 369 -6.36 -9.38 -17.30
CA GLU A 369 -4.98 -9.19 -17.82
C GLU A 369 -3.95 -9.84 -16.90
N MET A 370 -4.18 -9.77 -15.60
CA MET A 370 -3.28 -10.45 -14.63
C MET A 370 -3.26 -11.98 -14.93
N LYS A 371 -4.47 -12.58 -15.12
CA LYS A 371 -4.54 -14.01 -15.47
CA LYS A 371 -4.57 -14.00 -15.48
C LYS A 371 -3.82 -14.33 -16.79
N ALA A 372 -3.90 -13.42 -17.78
CA ALA A 372 -3.31 -13.69 -19.12
C ALA A 372 -1.80 -13.53 -19.19
N THR A 373 -1.22 -12.81 -18.20
CA THR A 373 0.20 -12.45 -18.26
C THR A 373 1.05 -13.02 -17.11
N SER A 374 0.52 -13.08 -15.90
CA SER A 374 1.30 -13.40 -14.69
C SER A 374 1.10 -14.83 -14.15
N ARG A 375 0.19 -15.65 -14.74
CA ARG A 375 -0.01 -16.98 -14.17
C ARG A 375 1.20 -17.86 -14.46
N ALA A 376 1.61 -18.61 -13.45
CA ALA A 376 2.76 -19.52 -13.53
C ALA A 376 2.38 -20.89 -12.88
N ALA A 377 3.35 -21.80 -12.82
CA ALA A 377 3.03 -23.17 -12.37
C ALA A 377 2.45 -23.22 -10.93
N PHE A 378 2.97 -22.41 -10.03
CA PHE A 378 2.62 -22.49 -8.59
C PHE A 378 2.10 -21.18 -8.03
N GLY A 379 1.58 -20.29 -8.89
CA GLY A 379 1.03 -18.99 -8.44
C GLY A 379 1.18 -17.92 -9.50
N TYR A 380 1.29 -16.65 -9.03
CA TYR A 380 1.31 -15.45 -9.91
C TYR A 380 2.62 -14.69 -9.70
N THR A 381 3.21 -14.24 -10.86
CA THR A 381 4.58 -13.63 -10.84
C THR A 381 4.65 -12.25 -11.49
N ALA A 382 5.59 -11.46 -10.99
CA ALA A 382 6.05 -10.20 -11.62
C ALA A 382 6.62 -10.47 -13.02
N LEU A 383 6.65 -9.43 -13.87
CA LEU A 383 7.05 -9.55 -15.26
C LEU A 383 8.43 -8.98 -15.55
N LYS A 384 9.10 -9.59 -16.55
CA LYS A 384 10.40 -9.17 -17.04
C LYS A 384 10.27 -8.10 -18.15
N ASP A 385 9.35 -8.28 -19.09
CA ASP A 385 9.28 -7.37 -20.26
C ASP A 385 7.84 -7.34 -20.80
N ILE A 386 7.19 -6.18 -20.61
CA ILE A 386 5.78 -5.98 -21.10
C ILE A 386 5.73 -5.68 -22.59
N THR A 387 6.89 -5.54 -23.26
CA THR A 387 6.93 -5.12 -24.67
C THR A 387 7.04 -6.33 -25.64
N THR A 388 7.38 -7.53 -25.16
CA THR A 388 7.43 -8.74 -25.99
C THR A 388 6.02 -9.37 -26.02
N ARG A 389 5.77 -10.23 -27.01
CA ARG A 389 4.57 -11.05 -27.07
C ARG A 389 5.00 -12.52 -27.26
N PRO A 390 4.71 -13.39 -26.27
CA PRO A 390 4.07 -13.07 -24.98
C PRO A 390 4.99 -12.20 -24.13
N MET A 391 4.41 -11.55 -23.12
CA MET A 391 5.21 -10.82 -22.16
C MET A 391 6.08 -11.83 -21.42
N THR A 392 7.37 -11.55 -21.23
CA THR A 392 8.21 -12.48 -20.51
C THR A 392 8.09 -12.24 -18.98
N GLN A 393 8.33 -13.31 -18.22
CA GLN A 393 8.12 -13.34 -16.76
C GLN A 393 9.45 -13.33 -16.00
N ASP A 394 9.43 -12.65 -14.83
CA ASP A 394 10.41 -12.92 -13.82
C ASP A 394 9.95 -14.06 -12.93
N ASP A 395 10.39 -14.19 -11.69
CA ASP A 395 10.05 -15.34 -10.84
C ASP A 395 9.91 -14.88 -9.35
N ASN A 396 8.80 -14.19 -9.06
CA ASN A 396 8.55 -13.70 -7.70
C ASN A 396 7.07 -13.32 -7.59
N CYS A 397 6.42 -13.74 -6.50
CA CYS A 397 5.07 -13.24 -6.10
C CYS A 397 5.34 -12.25 -4.91
N PRO A 398 5.24 -10.96 -5.11
CA PRO A 398 5.49 -10.03 -3.99
CA PRO A 398 5.52 -10.05 -3.98
C PRO A 398 4.50 -10.22 -2.86
N GLY A 399 4.97 -10.03 -1.59
CA GLY A 399 4.06 -10.22 -0.45
C GLY A 399 2.78 -9.44 -0.54
N TYR A 400 2.83 -8.20 -1.11
CA TYR A 400 1.62 -7.35 -1.16
C TYR A 400 0.51 -7.94 -2.07
N TRP A 401 0.85 -8.84 -3.02
CA TRP A 401 -0.21 -9.45 -3.86
C TRP A 401 -1.26 -10.19 -2.98
N TRP A 402 -0.77 -10.80 -1.89
CA TRP A 402 -1.65 -11.60 -1.01
C TRP A 402 -2.66 -10.75 -0.24
N SER A 403 -2.29 -9.50 0.08
CA SER A 403 -3.19 -8.58 0.79
C SER A 403 -4.04 -7.70 -0.13
N GLU A 404 -3.46 -7.28 -1.27
CA GLU A 404 -4.03 -6.18 -2.08
C GLU A 404 -4.94 -6.60 -3.23
N GLN A 405 -4.40 -6.90 -4.45
CA GLN A 405 -5.35 -6.84 -5.60
C GLN A 405 -6.39 -7.94 -5.60
N MET A 406 -6.09 -9.16 -5.07
CA MET A 406 -7.15 -10.19 -5.04
C MET A 406 -8.29 -9.75 -4.06
N LYS A 407 -7.91 -9.11 -2.92
CA LYS A 407 -8.92 -8.53 -2.04
C LYS A 407 -9.68 -7.42 -2.74
N TYR A 408 -9.02 -6.50 -3.47
CA TYR A 408 -9.75 -5.42 -4.18
C TYR A 408 -10.78 -5.99 -5.18
N TYR A 409 -10.32 -6.94 -6.03
CA TYR A 409 -11.23 -7.55 -6.99
C TYR A 409 -12.43 -8.18 -6.24
N TYR A 410 -12.14 -8.99 -5.19
CA TYR A 410 -13.23 -9.68 -4.48
C TYR A 410 -14.20 -8.68 -3.81
N LEU A 411 -13.69 -7.61 -3.20
CA LEU A 411 -14.59 -6.62 -2.63
C LEU A 411 -15.43 -5.93 -3.68
N LEU A 412 -14.88 -5.64 -4.86
CA LEU A 412 -15.61 -5.01 -5.97
C LEU A 412 -16.72 -5.92 -6.53
N PHE A 413 -16.50 -7.27 -6.53
CA PHE A 413 -17.43 -8.14 -7.26
C PHE A 413 -18.42 -8.94 -6.36
N SER A 414 -17.99 -9.23 -5.10
CA SER A 414 -18.73 -10.23 -4.27
C SER A 414 -19.90 -9.71 -3.47
N ASP A 415 -19.92 -8.41 -3.15
CA ASP A 415 -20.88 -7.86 -2.16
C ASP A 415 -20.99 -8.79 -0.91
N THR A 416 -19.82 -9.20 -0.39
CA THR A 416 -19.81 -10.19 0.70
C THR A 416 -20.49 -9.65 1.96
N PRO A 417 -21.30 -10.55 2.63
CA PRO A 417 -21.89 -10.17 3.93
C PRO A 417 -20.89 -10.11 5.10
N ARG A 418 -19.64 -10.55 4.86
CA ARG A 418 -18.60 -10.47 5.91
C ARG A 418 -18.01 -9.09 6.13
N ILE A 419 -18.36 -8.14 5.24
CA ILE A 419 -17.87 -6.74 5.38
C ILE A 419 -19.06 -5.78 5.42
N ASP A 420 -19.05 -4.82 6.37
CA ASP A 420 -19.92 -3.63 6.39
C ASP A 420 -19.28 -2.61 5.48
N TYR A 421 -19.75 -2.52 4.24
CA TYR A 421 -19.09 -1.64 3.24
C TYR A 421 -19.17 -0.17 3.61
N GLY A 422 -20.20 0.22 4.41
CA GLY A 422 -20.28 1.59 4.90
C GLY A 422 -19.22 1.98 5.94
N GLN A 423 -18.72 0.98 6.67
CA GLN A 423 -17.70 1.19 7.75
C GLN A 423 -16.29 0.77 7.31
N LEU A 424 -16.15 0.15 6.12
CA LEU A 424 -14.87 -0.37 5.66
C LEU A 424 -13.78 0.67 5.62
N GLN A 425 -12.60 0.34 6.21
CA GLN A 425 -11.39 1.16 6.13
C GLN A 425 -10.22 0.18 5.82
N LEU A 426 -9.38 0.58 4.86
CA LEU A 426 -8.22 -0.23 4.47
CA LEU A 426 -8.24 -0.17 4.35
C LEU A 426 -6.93 0.60 4.62
N SER A 427 -5.87 -0.08 5.11
CA SER A 427 -4.54 0.53 5.19
C SER A 427 -3.90 0.68 3.79
N THR A 428 -2.67 1.25 3.74
CA THR A 428 -2.03 1.37 2.41
C THR A 428 -1.61 0.00 1.80
N GLU A 429 -1.56 -1.04 2.68
CA GLU A 429 -1.26 -2.42 2.30
C GLU A 429 -2.58 -3.25 2.16
N ALA A 430 -3.74 -2.55 2.19
CA ALA A 430 -5.09 -3.15 2.10
C ALA A 430 -5.46 -3.95 3.36
N ASN A 431 -4.77 -3.79 4.47
CA ASN A 431 -5.24 -4.46 5.72
C ASN A 431 -6.55 -3.79 6.19
N VAL A 432 -7.56 -4.64 6.43
CA VAL A 432 -8.87 -4.10 6.93
C VAL A 432 -8.70 -3.74 8.41
N LEU A 433 -8.91 -2.41 8.68
CA LEU A 433 -8.75 -1.86 10.03
C LEU A 433 -10.12 -1.46 10.67
N ARG A 434 -11.20 -1.58 9.90
CA ARG A 434 -12.58 -1.38 10.36
C ARG A 434 -13.52 -1.99 9.33
N GLY A 435 -14.66 -2.53 9.79
CA GLY A 435 -15.72 -3.01 8.92
C GLY A 435 -15.95 -4.53 8.85
N PHE A 436 -15.28 -5.34 9.69
CA PHE A 436 -15.63 -6.78 9.69
C PHE A 436 -17.03 -6.97 10.31
N ARG A 437 -17.81 -7.86 9.72
CA ARG A 437 -19.13 -8.27 10.26
C ARG A 437 -18.96 -9.76 10.64
N LYS A 438 -18.97 -10.06 11.92
CA LYS A 438 -18.63 -11.45 12.37
C LYS A 438 -19.76 -12.46 12.16
#